data_9JI8
#
_entry.id   9JI8
#
_cell.length_a   1.00
_cell.length_b   1.00
_cell.length_c   1.00
_cell.angle_alpha   90.00
_cell.angle_beta   90.00
_cell.angle_gamma   90.00
#
_symmetry.space_group_name_H-M   'P 1'
#
loop_
_entity.id
_entity.type
_entity.pdbx_description
1 polymer GLY-VAL-VAL-ALA-ALA-ALA-GLU-LYS-THR-LYS
2 polymer Alpha-synuclein
#
loop_
_entity_poly.entity_id
_entity_poly.type
_entity_poly.pdbx_seq_one_letter_code
_entity_poly.pdbx_strand_id
1 'polypeptide(L)' GVVAAAEKTK D,H,E,I,J,N
2 'polypeptide(L)' VLYVGSKTKEGVVHGVATVAEKTKEQVTNVGGAVVTGVTAVAQKTVEGAGSIAAATGFVKKDQ F,K,G,L,M,O
#
# COMPACT_ATOMS: atom_id res chain seq x y z
N GLY A 1 -47.06 -6.42 10.46
CA GLY A 1 -46.91 -7.68 9.74
C GLY A 1 -45.77 -7.66 8.75
N VAL A 2 -44.59 -7.28 9.22
CA VAL A 2 -43.42 -7.20 8.35
C VAL A 2 -43.03 -8.60 7.87
N VAL A 3 -42.80 -8.72 6.57
CA VAL A 3 -42.33 -9.96 5.97
C VAL A 3 -41.25 -9.60 4.96
N ALA A 4 -40.15 -10.34 4.96
CA ALA A 4 -39.04 -10.06 4.07
C ALA A 4 -38.51 -11.34 3.44
N ALA A 5 -39.41 -12.18 2.94
CA ALA A 5 -38.99 -13.45 2.36
C ALA A 5 -38.06 -13.21 1.17
N ALA A 6 -37.22 -14.21 0.89
CA ALA A 6 -36.30 -14.14 -0.24
C ALA A 6 -35.78 -15.55 -0.53
N GLU A 7 -35.65 -15.87 -1.82
CA GLU A 7 -35.23 -17.19 -2.24
C GLU A 7 -34.29 -17.06 -3.43
N LYS A 8 -33.42 -18.05 -3.59
CA LYS A 8 -32.46 -18.06 -4.70
C LYS A 8 -32.38 -19.44 -5.31
N THR A 9 -33.53 -20.07 -5.53
CA THR A 9 -33.57 -21.43 -6.08
C THR A 9 -32.90 -21.49 -7.44
N LYS A 10 -31.80 -22.22 -7.55
CA LYS A 10 -31.12 -22.32 -8.84
C LYS A 10 -31.44 -23.65 -9.50
N VAL B 1 -0.03 35.68 22.35
CA VAL B 1 -0.14 34.32 21.82
C VAL B 1 -0.94 33.43 22.76
N LEU B 2 -2.07 32.93 22.26
CA LEU B 2 -2.95 32.07 23.04
C LEU B 2 -3.10 30.68 22.45
N TYR B 3 -3.45 30.58 21.17
CA TYR B 3 -3.67 29.28 20.53
C TYR B 3 -4.68 28.45 21.30
N VAL B 4 -5.90 28.96 21.37
CA VAL B 4 -7.00 28.25 22.01
C VAL B 4 -7.69 27.39 20.96
N GLY B 5 -7.51 26.08 21.05
CA GLY B 5 -8.07 25.19 20.06
C GLY B 5 -7.54 25.38 18.66
N SER B 6 -6.34 25.94 18.53
CA SER B 6 -5.78 26.32 17.24
C SER B 6 -4.62 25.40 16.86
N LYS B 7 -4.16 25.55 15.62
CA LYS B 7 -3.05 24.76 15.08
C LYS B 7 -3.36 23.28 15.09
N THR B 8 -4.64 22.93 15.11
CA THR B 8 -5.08 21.56 15.25
C THR B 8 -5.13 20.85 13.90
N LYS B 9 -5.45 19.57 13.96
CA LYS B 9 -5.67 18.79 12.75
C LYS B 9 -6.55 17.61 13.19
N GLU B 10 -7.85 17.72 12.91
CA GLU B 10 -8.83 16.81 13.51
C GLU B 10 -9.74 16.23 12.45
N GLY B 11 -9.90 14.92 12.45
CA GLY B 11 -10.69 14.26 11.44
C GLY B 11 -10.08 14.41 10.08
N VAL B 12 -8.88 13.89 9.88
CA VAL B 12 -8.10 14.12 8.68
C VAL B 12 -7.61 12.79 8.14
N VAL B 13 -7.59 12.67 6.82
CA VAL B 13 -7.08 11.49 6.14
C VAL B 13 -6.19 11.98 5.00
N HIS B 14 -4.95 11.51 4.94
CA HIS B 14 -4.15 11.85 3.78
C HIS B 14 -3.14 10.76 3.46
N GLY B 15 -2.63 10.81 2.25
CA GLY B 15 -1.65 9.85 1.80
C GLY B 15 -2.18 8.43 1.76
N VAL B 16 -3.25 8.21 1.01
CA VAL B 16 -3.91 6.91 0.97
C VAL B 16 -3.85 6.40 -0.45
N ALA B 17 -3.13 5.31 -0.66
CA ALA B 17 -3.08 4.66 -1.96
C ALA B 17 -3.78 3.32 -1.86
N THR B 18 -4.67 3.04 -2.79
CA THR B 18 -5.50 1.86 -2.72
C THR B 18 -5.61 1.26 -4.10
N VAL B 19 -5.53 -0.06 -4.17
CA VAL B 19 -5.77 -0.77 -5.41
C VAL B 19 -6.70 -1.93 -5.12
N ALA B 20 -7.77 -2.04 -5.89
CA ALA B 20 -8.79 -3.07 -5.68
C ALA B 20 -9.06 -3.75 -7.00
N GLU B 21 -8.36 -4.85 -7.28
CA GLU B 21 -8.58 -5.60 -8.50
C GLU B 21 -9.50 -6.78 -8.18
N LYS B 22 -10.81 -6.55 -8.30
CA LYS B 22 -11.81 -7.58 -8.06
C LYS B 22 -12.42 -8.02 -9.37
N THR B 23 -12.44 -9.32 -9.63
CA THR B 23 -13.00 -9.80 -10.88
C THR B 23 -14.53 -9.78 -10.89
N LYS B 24 -15.18 -10.02 -9.75
CA LYS B 24 -16.63 -9.95 -9.69
C LYS B 24 -17.05 -9.51 -8.30
N GLU B 25 -18.01 -8.59 -8.23
CA GLU B 25 -18.55 -8.10 -6.97
C GLU B 25 -20.06 -8.02 -7.09
N GLN B 26 -20.77 -8.47 -6.07
CA GLN B 26 -22.22 -8.61 -6.16
C GLN B 26 -22.87 -8.43 -4.81
N VAL B 27 -23.74 -7.45 -4.68
CA VAL B 27 -24.51 -7.21 -3.47
C VAL B 27 -25.98 -7.42 -3.78
N THR B 28 -26.66 -8.21 -2.96
CA THR B 28 -28.08 -8.51 -3.12
C THR B 28 -28.78 -8.23 -1.80
N ASN B 29 -29.53 -7.14 -1.74
CA ASN B 29 -30.25 -6.75 -0.53
C ASN B 29 -31.74 -6.97 -0.74
N VAL B 30 -32.38 -7.63 0.21
CA VAL B 30 -33.82 -7.90 0.17
C VAL B 30 -34.36 -7.41 1.51
N GLY B 31 -34.79 -6.17 1.56
CA GLY B 31 -35.16 -5.59 2.83
C GLY B 31 -33.91 -5.28 3.63
N GLY B 32 -33.92 -4.21 4.41
CA GLY B 32 -32.78 -3.92 5.24
C GLY B 32 -31.78 -2.98 4.61
N ALA B 33 -30.56 -2.96 5.15
CA ALA B 33 -29.52 -2.02 4.71
C ALA B 33 -28.24 -2.78 4.38
N VAL B 34 -27.50 -2.27 3.40
CA VAL B 34 -26.18 -2.76 3.05
C VAL B 34 -25.28 -1.56 2.76
N VAL B 35 -24.17 -1.46 3.49
CA VAL B 35 -23.17 -0.41 3.28
C VAL B 35 -21.86 -1.09 2.89
N THR B 36 -21.32 -0.72 1.74
CA THR B 36 -20.17 -1.44 1.20
C THR B 36 -19.20 -0.50 0.50
N GLY B 37 -17.95 -0.51 0.96
CA GLY B 37 -16.86 0.14 0.25
C GLY B 37 -16.59 1.59 0.57
N VAL B 38 -16.60 1.95 1.84
CA VAL B 38 -16.28 3.30 2.29
C VAL B 38 -14.77 3.41 2.41
N THR B 39 -14.17 4.42 1.77
CA THR B 39 -12.73 4.58 1.73
C THR B 39 -12.36 6.03 1.91
N ALA B 40 -11.41 6.30 2.79
CA ALA B 40 -10.78 7.61 2.93
C ALA B 40 -11.81 8.70 3.21
N VAL B 41 -12.46 8.57 4.35
CA VAL B 41 -13.58 9.43 4.71
C VAL B 41 -13.25 10.14 6.01
N ALA B 42 -13.48 11.44 6.04
CA ALA B 42 -13.15 12.24 7.21
C ALA B 42 -14.33 13.12 7.59
N GLN B 43 -14.61 13.20 8.88
CA GLN B 43 -15.75 13.96 9.36
C GLN B 43 -15.38 14.61 10.68
N LYS B 44 -16.07 15.70 10.99
CA LYS B 44 -15.95 16.30 12.31
C LYS B 44 -17.30 16.91 12.67
N THR B 45 -18.02 16.25 13.56
CA THR B 45 -19.30 16.73 14.04
C THR B 45 -19.08 17.48 15.34
N VAL B 46 -19.84 18.55 15.54
CA VAL B 46 -19.80 19.31 16.78
C VAL B 46 -21.22 19.40 17.31
N GLU B 47 -21.41 18.99 18.56
CA GLU B 47 -22.73 18.99 19.20
C GLU B 47 -23.74 18.19 18.41
N GLY B 48 -23.32 17.04 17.90
CA GLY B 48 -24.20 16.18 17.18
C GLY B 48 -23.61 14.79 17.09
N ALA B 49 -24.48 13.83 16.82
CA ALA B 49 -24.08 12.43 16.70
C ALA B 49 -23.69 12.14 15.26
N GLY B 50 -22.43 11.82 15.03
CA GLY B 50 -21.98 11.56 13.69
C GLY B 50 -21.52 10.14 13.43
N SER B 51 -22.32 9.39 12.67
CA SER B 51 -21.94 8.07 12.21
C SER B 51 -21.25 8.20 10.86
N ILE B 52 -20.67 7.10 10.39
CA ILE B 52 -20.00 7.10 9.10
C ILE B 52 -20.49 5.99 8.19
N ALA B 53 -20.44 4.76 8.63
CA ALA B 53 -20.95 3.67 7.80
C ALA B 53 -21.95 2.84 8.58
N ALA B 54 -22.91 3.53 9.19
CA ALA B 54 -23.96 2.84 9.94
C ALA B 54 -24.93 2.14 9.00
N ALA B 55 -25.51 1.05 9.47
CA ALA B 55 -26.55 0.33 8.74
C ALA B 55 -27.56 -0.21 9.73
N THR B 56 -28.84 0.04 9.45
CA THR B 56 -29.95 -0.44 10.27
C THR B 56 -30.94 -1.17 9.38
N GLY B 57 -31.39 -2.34 9.83
CA GLY B 57 -32.29 -3.15 9.04
C GLY B 57 -33.66 -2.55 8.80
N PHE B 58 -34.41 -2.28 9.87
CA PHE B 58 -35.60 -1.45 9.77
C PHE B 58 -36.10 -1.07 11.14
N VAL B 59 -36.34 0.21 11.38
CA VAL B 59 -36.90 0.68 12.63
C VAL B 59 -38.42 0.59 12.54
N LYS B 60 -39.04 -0.17 13.44
CA LYS B 60 -40.49 -0.38 13.43
C LYS B 60 -41.03 0.04 14.79
N LYS B 61 -41.31 1.32 14.94
CA LYS B 61 -41.88 1.86 16.17
C LYS B 61 -43.38 2.09 16.03
N ASP B 62 -44.13 1.03 15.79
CA ASP B 62 -45.58 1.17 15.62
C ASP B 62 -46.21 1.75 16.89
N GLN B 63 -47.02 2.80 16.70
CA GLN B 63 -47.85 3.37 17.76
C GLN B 63 -47.03 3.81 18.97
N GLY C 1 41.70 15.40 -18.97
CA GLY C 1 41.83 16.23 -17.78
C GLY C 1 40.49 16.56 -17.15
N VAL C 2 39.70 15.52 -16.88
CA VAL C 2 38.37 15.71 -16.29
C VAL C 2 38.51 16.27 -14.88
N VAL C 3 37.74 17.31 -14.58
CA VAL C 3 37.68 17.89 -13.25
C VAL C 3 36.22 18.19 -12.95
N ALA C 4 35.78 17.85 -11.74
CA ALA C 4 34.38 18.04 -11.36
C ALA C 4 34.29 18.63 -9.96
N ALA C 5 35.07 19.67 -9.69
CA ALA C 5 35.07 20.27 -8.36
C ALA C 5 33.69 20.80 -8.01
N ALA C 6 33.40 20.88 -6.71
CA ALA C 6 32.14 21.42 -6.23
C ALA C 6 32.28 21.75 -4.76
N GLU C 7 31.68 22.87 -4.35
CA GLU C 7 31.78 23.35 -2.97
C GLU C 7 30.44 23.90 -2.54
N LYS C 8 30.21 23.87 -1.23
CA LYS C 8 28.95 24.39 -0.67
C LYS C 8 29.23 25.20 0.58
N THR C 9 30.25 26.04 0.53
CA THR C 9 30.63 26.84 1.69
C THR C 9 29.49 27.73 2.17
N LYS C 10 28.97 27.48 3.36
CA LYS C 10 27.88 28.29 3.87
C LYS C 10 28.40 29.32 4.87
N VAL D 1 -4.36 -27.58 -31.33
CA VAL D 1 -3.92 -26.82 -30.17
C VAL D 1 -2.46 -27.10 -29.85
N LEU D 2 -1.63 -26.06 -29.94
CA LEU D 2 -0.20 -26.17 -29.68
C LEU D 2 0.25 -25.33 -28.50
N TYR D 3 -0.07 -24.05 -28.48
CA TYR D 3 0.37 -23.14 -27.41
C TYR D 3 1.89 -23.19 -27.25
N VAL D 4 2.59 -22.78 -28.28
CA VAL D 4 4.05 -22.71 -28.25
C VAL D 4 4.43 -21.32 -27.76
N GLY D 5 4.94 -21.24 -26.54
CA GLY D 5 5.28 -19.96 -25.97
C GLY D 5 4.11 -19.04 -25.77
N SER D 6 2.90 -19.58 -25.65
CA SER D 6 1.68 -18.79 -25.60
C SER D 6 1.06 -18.82 -24.21
N LYS D 7 0.04 -17.98 -24.03
CA LYS D 7 -0.69 -17.88 -22.76
C LYS D 7 0.23 -17.49 -21.61
N THR D 8 1.34 -16.85 -21.95
CA THR D 8 2.37 -16.52 -20.98
C THR D 8 2.07 -15.19 -20.29
N LYS D 9 2.93 -14.86 -19.32
CA LYS D 9 2.86 -13.57 -18.66
C LYS D 9 4.26 -13.31 -18.10
N GLU D 10 5.03 -12.50 -18.80
CA GLU D 10 6.47 -12.40 -18.54
C GLU D 10 6.89 -10.94 -18.41
N GLY D 11 7.61 -10.64 -17.33
CA GLY D 11 8.01 -9.28 -17.07
C GLY D 11 6.80 -8.40 -16.80
N VAL D 12 6.06 -8.71 -15.75
CA VAL D 12 4.78 -8.06 -15.48
C VAL D 12 4.78 -7.56 -14.03
N VAL D 13 4.17 -6.41 -13.82
CA VAL D 13 3.99 -5.85 -12.49
C VAL D 13 2.56 -5.36 -12.40
N HIS D 14 1.83 -5.79 -11.37
CA HIS D 14 0.50 -5.22 -11.19
C HIS D 14 0.10 -5.22 -9.73
N GLY D 15 -0.90 -4.41 -9.42
CA GLY D 15 -1.41 -4.29 -8.07
C GLY D 15 -0.38 -3.75 -7.10
N VAL D 16 0.15 -2.57 -7.36
CA VAL D 16 1.21 -1.99 -6.57
C VAL D 16 0.70 -0.69 -5.97
N ALA D 17 0.57 -0.65 -4.66
CA ALA D 17 0.19 0.57 -3.97
C ALA D 17 1.38 1.04 -3.16
N THR D 18 1.70 2.32 -3.27
CA THR D 18 2.90 2.86 -2.66
C THR D 18 2.58 4.22 -2.08
N VAL D 19 3.09 4.49 -0.90
CA VAL D 19 2.98 5.81 -0.29
C VAL D 19 4.34 6.18 0.24
N ALA D 20 4.82 7.37 -0.13
CA ALA D 20 6.14 7.85 0.25
C ALA D 20 6.00 9.25 0.82
N GLU D 21 5.85 9.37 2.12
CA GLU D 21 5.76 10.67 2.78
C GLU D 21 7.15 11.03 3.33
N LYS D 22 7.95 11.69 2.50
CA LYS D 22 9.28 12.14 2.89
C LYS D 22 9.28 13.65 3.08
N THR D 23 9.76 14.11 4.22
CA THR D 23 9.79 15.55 4.45
C THR D 23 10.90 16.25 3.68
N LYS D 24 12.06 15.61 3.49
CA LYS D 24 13.14 16.22 2.72
C LYS D 24 13.92 15.12 2.03
N GLU D 25 14.25 15.35 0.76
CA GLU D 25 15.04 14.40 -0.03
C GLU D 25 16.06 15.19 -0.83
N GLN D 26 17.30 14.71 -0.86
CA GLN D 26 18.38 15.50 -1.44
C GLN D 26 19.44 14.59 -2.02
N VAL D 27 19.70 14.70 -3.31
CA VAL D 27 20.76 13.96 -3.97
C VAL D 27 21.79 14.96 -4.49
N THR D 28 23.06 14.70 -4.20
CA THR D 28 24.17 15.55 -4.62
C THR D 28 25.21 14.67 -5.31
N ASN D 29 25.30 14.77 -6.62
CA ASN D 29 26.25 13.99 -7.40
C ASN D 29 27.34 14.91 -7.93
N VAL D 30 28.59 14.49 -7.74
CA VAL D 30 29.76 15.24 -8.21
C VAL D 30 30.60 14.24 -9.00
N GLY D 31 30.37 14.17 -10.29
CA GLY D 31 30.99 13.13 -11.07
C GLY D 31 30.32 11.80 -10.81
N GLY D 32 30.23 10.93 -11.80
CA GLY D 32 29.65 9.63 -11.56
C GLY D 32 28.17 9.54 -11.83
N ALA D 33 27.52 8.51 -11.30
CA ALA D 33 26.11 8.24 -11.57
C ALA D 33 25.34 8.07 -10.26
N VAL D 34 24.08 8.49 -10.28
CA VAL D 34 23.16 8.27 -9.17
C VAL D 34 21.79 7.88 -9.76
N VAL D 35 21.28 6.72 -9.36
CA VAL D 35 19.97 6.25 -9.76
C VAL D 35 19.12 6.11 -8.51
N THR D 36 17.97 6.79 -8.47
CA THR D 36 17.19 6.85 -7.25
C THR D 36 15.70 6.83 -7.54
N GLY D 37 15.00 5.86 -6.96
CA GLY D 37 13.55 5.85 -6.93
C GLY D 37 12.85 5.19 -8.09
N VAL D 38 13.31 4.02 -8.50
CA VAL D 38 12.67 3.25 -9.56
C VAL D 38 11.56 2.42 -8.93
N THR D 39 10.35 2.52 -9.46
CA THR D 39 9.18 1.86 -8.89
C THR D 39 8.34 1.26 -9.99
N ALA D 40 7.95 0.01 -9.82
CA ALA D 40 6.94 -0.64 -10.66
C ALA D 40 7.34 -0.61 -12.13
N VAL D 41 8.45 -1.28 -12.45
CA VAL D 41 9.05 -1.22 -13.76
C VAL D 41 9.12 -2.63 -14.32
N ALA D 42 8.70 -2.79 -15.56
CA ALA D 42 8.68 -4.11 -16.19
C ALA D 42 9.34 -4.04 -17.55
N GLN D 43 10.14 -5.05 -17.85
CA GLN D 43 10.87 -5.08 -19.11
C GLN D 43 10.94 -6.50 -19.61
N LYS D 44 11.11 -6.66 -20.91
CA LYS D 44 11.39 -7.97 -21.48
C LYS D 44 12.28 -7.77 -22.69
N THR D 45 13.56 -8.08 -22.54
CA THR D 45 14.52 -7.99 -23.62
C THR D 45 14.65 -9.36 -24.26
N VAL D 46 14.83 -9.38 -25.58
CA VAL D 46 15.06 -10.61 -26.31
C VAL D 46 16.33 -10.43 -27.13
N GLU D 47 17.27 -11.36 -26.97
CA GLU D 47 18.56 -11.31 -27.66
C GLU D 47 19.28 -10.00 -27.39
N GLY D 48 19.23 -9.55 -26.15
CA GLY D 48 19.95 -8.35 -25.77
C GLY D 48 20.10 -8.29 -24.27
N ALA D 49 21.05 -7.48 -23.83
CA ALA D 49 21.33 -7.32 -22.41
C ALA D 49 20.47 -6.19 -21.86
N GLY D 50 19.58 -6.53 -20.94
CA GLY D 50 18.71 -5.50 -20.40
C GLY D 50 18.89 -5.23 -18.93
N SER D 51 19.45 -4.08 -18.61
CA SER D 51 19.55 -3.61 -17.23
C SER D 51 18.32 -2.79 -16.90
N ILE D 52 18.16 -2.44 -15.63
CA ILE D 52 17.03 -1.63 -15.20
C ILE D 52 17.45 -0.41 -14.41
N ALA D 53 18.20 -0.60 -13.34
CA ALA D 53 18.67 0.55 -12.58
C ALA D 53 20.17 0.50 -12.41
N ALA D 54 20.88 0.28 -13.52
CA ALA D 54 22.32 0.24 -13.49
C ALA D 54 22.90 1.64 -13.28
N ALA D 55 24.07 1.69 -12.66
CA ALA D 55 24.81 2.94 -12.49
C ALA D 55 26.29 2.66 -12.59
N THR D 56 26.99 3.43 -13.41
CA THR D 56 28.42 3.33 -13.58
C THR D 56 29.06 4.69 -13.36
N GLY D 57 30.15 4.72 -12.61
CA GLY D 57 30.80 5.97 -12.28
C GLY D 57 31.42 6.71 -13.45
N PHE D 58 32.38 6.08 -14.13
CA PHE D 58 32.83 6.56 -15.43
C PHE D 58 33.71 5.52 -16.11
N VAL D 59 33.41 5.20 -17.36
CA VAL D 59 34.23 4.28 -18.14
C VAL D 59 35.34 5.09 -18.79
N LYS D 60 36.58 4.74 -18.50
CA LYS D 60 37.75 5.45 -19.02
C LYS D 60 38.64 4.46 -19.75
N LYS D 61 38.32 4.22 -21.02
CA LYS D 61 39.11 3.30 -21.86
C LYS D 61 40.04 4.09 -22.79
N ASP D 62 40.97 4.83 -22.20
CA ASP D 62 41.89 5.61 -23.02
C ASP D 62 42.71 4.71 -23.94
N GLN D 63 42.74 5.06 -25.22
CA GLN D 63 43.61 4.41 -26.21
C GLN D 63 43.40 2.91 -26.29
N GLY E 1 -45.36 -9.07 14.18
CA GLY E 1 -45.23 -10.33 13.46
C GLY E 1 -44.09 -10.33 12.46
N VAL E 2 -42.90 -9.96 12.92
CA VAL E 2 -41.73 -9.88 12.04
C VAL E 2 -41.37 -11.28 11.56
N VAL E 3 -41.14 -11.42 10.26
CA VAL E 3 -40.68 -12.67 9.67
C VAL E 3 -39.62 -12.32 8.64
N ALA E 4 -38.52 -13.07 8.63
CA ALA E 4 -37.41 -12.79 7.73
C ALA E 4 -36.91 -14.08 7.11
N ALA E 5 -37.82 -14.92 6.61
CA ALA E 5 -37.40 -16.18 6.02
C ALA E 5 -36.49 -15.97 4.83
N ALA E 6 -35.65 -16.96 4.55
CA ALA E 6 -34.74 -16.91 3.40
C ALA E 6 -34.24 -18.31 3.12
N GLU E 7 -34.12 -18.65 1.84
CA GLU E 7 -33.71 -19.97 1.41
C GLU E 7 -32.79 -19.84 0.22
N LYS E 8 -31.93 -20.85 0.05
CA LYS E 8 -30.98 -20.87 -1.06
C LYS E 8 -30.91 -22.26 -1.67
N THR E 9 -32.07 -22.88 -1.88
CA THR E 9 -32.12 -24.23 -2.42
C THR E 9 -31.47 -24.31 -3.80
N LYS E 10 -30.37 -25.04 -3.91
CA LYS E 10 -29.70 -25.15 -5.21
C LYS E 10 -30.03 -26.48 -5.86
N VAL F 1 2.10 32.68 25.55
CA VAL F 1 1.98 31.33 25.04
C VAL F 1 1.18 30.44 25.98
N LEU F 2 0.03 29.95 25.49
CA LEU F 2 -0.84 29.11 26.28
C LEU F 2 -1.00 27.72 25.69
N TYR F 3 -1.37 27.61 24.42
CA TYR F 3 -1.59 26.32 23.78
C TYR F 3 -2.62 25.49 24.56
N VAL F 4 -3.83 26.00 24.64
CA VAL F 4 -4.93 25.31 25.30
C VAL F 4 -5.64 24.46 24.26
N GLY F 5 -5.45 23.14 24.33
CA GLY F 5 -6.03 22.26 23.36
C GLY F 5 -5.51 22.44 21.96
N SER F 6 -4.31 23.00 21.82
CA SER F 6 -3.76 23.35 20.52
C SER F 6 -2.61 22.43 20.13
N LYS F 7 -2.16 22.57 18.89
CA LYS F 7 -1.06 21.78 18.34
C LYS F 7 -1.38 20.29 18.37
N THR F 8 -2.66 19.96 18.39
CA THR F 8 -3.11 18.59 18.54
C THR F 8 -3.18 17.88 17.20
N LYS F 9 -3.51 16.59 17.26
CA LYS F 9 -3.75 15.80 16.05
C LYS F 9 -4.64 14.64 16.50
N GLU F 10 -5.93 14.75 16.24
CA GLU F 10 -6.92 13.86 16.85
C GLU F 10 -7.84 13.29 15.79
N GLY F 11 -8.01 11.98 15.79
CA GLY F 11 -8.82 11.31 14.80
C GLY F 11 -8.21 11.46 13.42
N VAL F 12 -7.01 10.93 13.23
CA VAL F 12 -6.24 11.15 12.01
C VAL F 12 -5.78 9.81 11.47
N VAL F 13 -5.77 9.69 10.16
CA VAL F 13 -5.26 8.51 9.48
C VAL F 13 -4.39 8.98 8.33
N HIS F 14 -3.15 8.50 8.25
CA HIS F 14 -2.36 8.84 7.09
C HIS F 14 -1.36 7.74 6.77
N GLY F 15 -0.85 7.78 5.55
CA GLY F 15 0.11 6.81 5.10
C GLY F 15 -0.43 5.40 5.06
N VAL F 16 -1.51 5.17 4.32
CA VAL F 16 -2.18 3.89 4.29
C VAL F 16 -2.13 3.37 2.88
N ALA F 17 -1.42 2.27 2.66
CA ALA F 17 -1.39 1.63 1.37
C ALA F 17 -2.09 0.29 1.48
N THR F 18 -3.00 0.01 0.55
CA THR F 18 -3.85 -1.17 0.64
C THR F 18 -3.97 -1.77 -0.74
N VAL F 19 -3.90 -3.08 -0.82
CA VAL F 19 -4.14 -3.81 -2.05
C VAL F 19 -5.08 -4.95 -1.74
N ALA F 20 -6.17 -5.06 -2.50
CA ALA F 20 -7.19 -6.08 -2.28
C ALA F 20 -7.48 -6.76 -3.61
N GLU F 21 -6.79 -7.86 -3.88
CA GLU F 21 -7.03 -8.63 -5.10
C GLU F 21 -7.96 -9.79 -4.76
N LYS F 22 -9.26 -9.55 -4.87
CA LYS F 22 -10.27 -10.58 -4.63
C LYS F 22 -10.89 -11.00 -5.94
N THR F 23 -10.91 -12.30 -6.19
CA THR F 23 -11.50 -12.79 -7.44
C THR F 23 -13.03 -12.75 -7.43
N LYS F 24 -13.67 -12.99 -6.28
CA LYS F 24 -15.12 -12.91 -6.21
C LYS F 24 -15.52 -12.46 -4.82
N GLU F 25 -16.48 -11.53 -4.74
CA GLU F 25 -17.00 -11.03 -3.49
C GLU F 25 -18.51 -10.94 -3.59
N GLN F 26 -19.22 -11.38 -2.56
CA GLN F 26 -20.67 -11.51 -2.65
C GLN F 26 -21.30 -11.32 -1.28
N VAL F 27 -22.17 -10.33 -1.15
CA VAL F 27 -22.92 -10.08 0.07
C VAL F 27 -24.40 -10.28 -0.23
N THR F 28 -25.08 -11.07 0.60
CA THR F 28 -26.50 -11.35 0.45
C THR F 28 -27.19 -11.06 1.78
N ASN F 29 -27.94 -9.97 1.84
CA ASN F 29 -28.63 -9.57 3.05
C ASN F 29 -30.14 -9.78 2.84
N VAL F 30 -30.77 -10.43 3.80
CA VAL F 30 -32.21 -10.68 3.79
C VAL F 30 -32.73 -10.18 5.13
N GLY F 31 -33.16 -8.95 5.18
CA GLY F 31 -33.51 -8.36 6.45
C GLY F 31 -32.26 -8.05 7.24
N GLY F 32 -32.25 -6.98 8.01
CA GLY F 32 -31.10 -6.69 8.84
C GLY F 32 -30.09 -5.78 8.19
N ALA F 33 -28.86 -5.75 8.71
CA ALA F 33 -27.83 -4.83 8.27
C ALA F 33 -26.56 -5.59 7.94
N VAL F 34 -25.82 -5.09 6.94
CA VAL F 34 -24.50 -5.60 6.59
C VAL F 34 -23.60 -4.41 6.29
N VAL F 35 -22.48 -4.31 7.01
CA VAL F 35 -21.47 -3.28 6.78
C VAL F 35 -20.18 -3.97 6.38
N THR F 36 -19.64 -3.61 5.23
CA THR F 36 -18.50 -4.33 4.68
C THR F 36 -17.52 -3.40 3.98
N GLY F 37 -16.27 -3.42 4.43
CA GLY F 37 -15.19 -2.78 3.71
C GLY F 37 -14.91 -1.33 4.03
N VAL F 38 -14.90 -0.97 5.29
CA VAL F 38 -14.57 0.38 5.72
C VAL F 38 -13.06 0.48 5.84
N THR F 39 -12.46 1.47 5.18
CA THR F 39 -11.01 1.62 5.13
C THR F 39 -10.63 3.07 5.31
N ALA F 40 -9.66 3.33 6.18
CA ALA F 40 -9.02 4.63 6.31
C ALA F 40 -10.04 5.73 6.60
N VAL F 41 -10.70 5.63 7.74
CA VAL F 41 -11.81 6.50 8.10
C VAL F 41 -11.45 7.20 9.40
N ALA F 42 -11.66 8.51 9.43
CA ALA F 42 -11.33 9.31 10.60
C ALA F 42 -12.50 10.19 10.98
N GLN F 43 -12.77 10.28 12.28
CA GLN F 43 -13.89 11.05 12.77
C GLN F 43 -13.51 11.71 14.07
N LYS F 44 -14.18 12.80 14.39
CA LYS F 44 -14.05 13.41 15.71
C LYS F 44 -15.39 14.03 16.08
N THR F 45 -16.12 13.38 16.97
CA THR F 45 -17.39 13.87 17.46
C THR F 45 -17.15 14.61 18.75
N VAL F 46 -17.90 15.69 18.96
CA VAL F 46 -17.84 16.46 20.20
C VAL F 46 -19.26 16.57 20.74
N GLU F 47 -19.45 16.16 21.99
CA GLU F 47 -20.75 16.18 22.65
C GLU F 47 -21.78 15.38 21.86
N GLY F 48 -21.36 14.23 21.35
CA GLY F 48 -22.27 13.36 20.64
C GLY F 48 -21.69 11.96 20.55
N ALA F 49 -22.57 11.01 20.29
CA ALA F 49 -22.17 9.61 20.18
C ALA F 49 -21.80 9.32 18.73
N GLY F 50 -20.54 8.98 18.50
CA GLY F 50 -20.11 8.72 17.15
C GLY F 50 -19.67 7.30 16.88
N SER F 51 -20.47 6.54 16.14
CA SER F 51 -20.11 5.21 15.68
C SER F 51 -19.43 5.34 14.33
N ILE F 52 -18.86 4.24 13.85
CA ILE F 52 -18.19 4.23 12.55
C ILE F 52 -18.72 3.13 11.65
N ALA F 53 -18.67 1.89 12.10
CA ALA F 53 -19.19 0.81 11.28
C ALA F 53 -20.19 -0.02 12.06
N ALA F 54 -21.14 0.68 12.68
CA ALA F 54 -22.18 0.01 13.44
C ALA F 54 -23.17 -0.69 12.51
N ALA F 55 -23.76 -1.77 12.99
CA ALA F 55 -24.81 -2.48 12.26
C ALA F 55 -25.82 -3.02 13.26
N THR F 56 -27.10 -2.76 13.01
CA THR F 56 -28.19 -3.22 13.83
C THR F 56 -29.20 -3.96 12.95
N GLY F 57 -29.65 -5.12 13.41
CA GLY F 57 -30.57 -5.93 12.63
C GLY F 57 -31.93 -5.32 12.40
N PHE F 58 -32.68 -5.03 13.46
CA PHE F 58 -33.86 -4.19 13.38
C PHE F 58 -34.35 -3.80 14.76
N VAL F 59 -34.59 -2.52 14.99
CA VAL F 59 -35.12 -2.04 16.25
C VAL F 59 -36.64 -2.11 16.17
N LYS F 60 -37.26 -2.88 17.06
CA LYS F 60 -38.71 -3.08 17.07
C LYS F 60 -39.25 -2.64 18.43
N LYS F 61 -39.51 -1.36 18.59
CA LYS F 61 -40.07 -0.81 19.83
C LYS F 61 -41.56 -0.57 19.68
N ASP F 62 -42.33 -1.63 19.46
CA ASP F 62 -43.77 -1.47 19.30
C ASP F 62 -44.38 -0.88 20.57
N GLN F 63 -45.18 0.16 20.38
CA GLN F 63 -46.01 0.75 21.45
C GLN F 63 -45.18 1.18 22.65
N GLY G 1 43.34 11.95 -16.03
CA GLY G 1 43.48 12.78 -14.86
C GLY G 1 42.15 13.13 -14.21
N VAL G 2 41.35 12.10 -13.93
CA VAL G 2 40.03 12.29 -13.33
C VAL G 2 40.19 12.85 -11.93
N VAL G 3 39.43 13.90 -11.63
CA VAL G 3 39.38 14.49 -10.29
C VAL G 3 37.92 14.79 -9.98
N ALA G 4 37.50 14.46 -8.77
CA ALA G 4 36.10 14.67 -8.38
C ALA G 4 36.03 15.27 -6.98
N ALA G 5 36.82 16.29 -6.71
CA ALA G 5 36.83 16.90 -5.39
C ALA G 5 35.46 17.45 -5.04
N ALA G 6 35.18 17.53 -3.73
CA ALA G 6 33.93 18.08 -3.24
C ALA G 6 34.08 18.42 -1.77
N GLU G 7 33.50 19.54 -1.36
CA GLU G 7 33.61 20.01 0.01
C GLU G 7 32.28 20.58 0.46
N LYS G 8 32.05 20.57 1.76
CA LYS G 8 30.81 21.09 2.34
C LYS G 8 31.10 21.91 3.58
N THR G 9 32.12 22.74 3.53
CA THR G 9 32.53 23.54 4.68
C THR G 9 31.39 24.44 5.16
N LYS G 10 30.89 24.20 6.37
CA LYS G 10 29.80 25.03 6.87
C LYS G 10 30.34 26.05 7.87
N VAL H 1 -3.17 -30.70 -27.90
CA VAL H 1 -2.71 -29.94 -26.74
C VAL H 1 -1.24 -30.23 -26.43
N LEU H 2 -0.42 -29.19 -26.53
CA LEU H 2 1.02 -29.31 -26.28
C LEU H 2 1.49 -28.48 -25.11
N TYR H 3 1.18 -27.19 -25.09
CA TYR H 3 1.63 -26.29 -24.03
C TYR H 3 3.15 -26.34 -23.87
N VAL H 4 3.85 -25.95 -24.92
CA VAL H 4 5.31 -25.88 -24.89
C VAL H 4 5.71 -24.50 -24.41
N GLY H 5 6.22 -24.42 -23.20
CA GLY H 5 6.58 -23.14 -22.63
C GLY H 5 5.42 -22.20 -22.42
N SER H 6 4.20 -22.73 -22.30
CA SER H 6 2.99 -21.93 -22.24
C SER H 6 2.38 -21.96 -20.84
N LYS H 7 1.36 -21.12 -20.66
CA LYS H 7 0.65 -21.01 -19.38
C LYS H 7 1.58 -20.61 -18.24
N THR H 8 2.69 -19.97 -18.59
CA THR H 8 3.73 -19.66 -17.63
C THR H 8 3.45 -18.33 -16.93
N LYS H 9 4.31 -18.00 -15.99
CA LYS H 9 4.26 -16.71 -15.32
C LYS H 9 5.68 -16.47 -14.78
N GLU H 10 6.45 -15.66 -15.49
CA GLU H 10 7.88 -15.57 -15.23
C GLU H 10 8.32 -14.12 -15.11
N GLY H 11 9.04 -13.81 -14.05
CA GLY H 11 9.46 -12.46 -13.78
C GLY H 11 8.27 -11.57 -13.51
N VAL H 12 7.53 -11.87 -12.45
CA VAL H 12 6.26 -11.20 -12.17
C VAL H 12 6.27 -10.70 -10.73
N VAL H 13 5.68 -9.54 -10.51
CA VAL H 13 5.51 -8.98 -9.19
C VAL H 13 4.08 -8.48 -9.08
N HIS H 14 3.36 -8.89 -8.05
CA HIS H 14 2.04 -8.32 -7.87
C HIS H 14 1.65 -8.30 -6.40
N GLY H 15 0.66 -7.49 -6.08
CA GLY H 15 0.16 -7.36 -4.74
C GLY H 15 1.20 -6.83 -3.78
N VAL H 16 1.74 -5.65 -4.04
CA VAL H 16 2.81 -5.08 -3.26
C VAL H 16 2.31 -3.77 -2.66
N ALA H 17 2.19 -3.72 -1.35
CA ALA H 17 1.83 -2.50 -0.67
C ALA H 17 3.03 -2.03 0.15
N THR H 18 3.37 -0.76 0.02
CA THR H 18 4.57 -0.23 0.62
C THR H 18 4.27 1.13 1.20
N VAL H 19 4.79 1.41 2.38
CA VAL H 19 4.68 2.72 2.99
C VAL H 19 6.06 3.09 3.50
N ALA H 20 6.54 4.27 3.13
CA ALA H 20 7.87 4.74 3.49
C ALA H 20 7.75 6.15 4.05
N GLU H 21 7.61 6.27 5.37
CA GLU H 21 7.54 7.57 6.02
C GLU H 21 8.93 7.92 6.55
N LYS H 22 9.73 8.58 5.72
CA LYS H 22 11.07 9.02 6.10
C LYS H 22 11.09 10.52 6.27
N THR H 23 11.58 10.98 7.41
CA THR H 23 11.62 12.42 7.64
C THR H 23 12.73 13.11 6.86
N LYS H 24 13.88 12.47 6.66
CA LYS H 24 14.95 13.06 5.88
C LYS H 24 15.72 11.96 5.18
N GLU H 25 16.04 12.17 3.92
CA GLU H 25 16.82 11.23 3.12
C GLU H 25 17.84 12.01 2.31
N GLN H 26 19.08 11.52 2.27
CA GLN H 26 20.16 12.29 1.68
C GLN H 26 21.22 11.36 1.10
N VAL H 27 21.46 11.48 -0.20
CA VAL H 27 22.51 10.72 -0.87
C VAL H 27 23.55 11.71 -1.40
N THR H 28 24.81 11.44 -1.11
CA THR H 28 25.92 12.28 -1.55
C THR H 28 26.95 11.40 -2.24
N ASN H 29 27.02 11.49 -3.56
CA ASN H 29 27.96 10.70 -4.34
C ASN H 29 29.07 11.60 -4.87
N VAL H 30 30.32 11.18 -4.69
CA VAL H 30 31.48 11.92 -5.18
C VAL H 30 32.30 10.91 -5.98
N GLY H 31 32.07 10.83 -7.27
CA GLY H 31 32.68 9.79 -8.05
C GLY H 31 32.00 8.47 -7.77
N GLY H 32 31.89 7.60 -8.76
CA GLY H 32 31.30 6.30 -8.51
C GLY H 32 29.82 6.23 -8.77
N ALA H 33 29.16 5.20 -8.23
CA ALA H 33 27.75 4.94 -8.49
C ALA H 33 26.99 4.78 -7.18
N VAL H 34 25.73 5.21 -7.18
CA VAL H 34 24.81 4.99 -6.07
C VAL H 34 23.45 4.62 -6.64
N VAL H 35 22.93 3.46 -6.24
CA VAL H 35 21.60 3.01 -6.63
C VAL H 35 20.77 2.87 -5.37
N THR H 36 19.63 3.56 -5.32
CA THR H 36 18.85 3.63 -4.09
C THR H 36 17.36 3.62 -4.37
N GLY H 37 16.66 2.67 -3.78
CA GLY H 37 15.21 2.67 -3.74
C GLY H 37 14.49 2.00 -4.89
N VAL H 38 14.94 0.83 -5.30
CA VAL H 38 14.28 0.06 -6.35
C VAL H 38 13.18 -0.76 -5.71
N THR H 39 11.97 -0.65 -6.23
CA THR H 39 10.80 -1.30 -5.65
C THR H 39 9.93 -1.90 -6.75
N ALA H 40 9.53 -3.15 -6.57
CA ALA H 40 8.52 -3.79 -7.40
C ALA H 40 8.91 -3.76 -8.88
N VAL H 41 10.00 -4.43 -9.19
CA VAL H 41 10.60 -4.39 -10.52
C VAL H 41 10.65 -5.80 -11.07
N ALA H 42 10.22 -5.97 -12.31
CA ALA H 42 10.18 -7.28 -12.92
C ALA H 42 10.82 -7.23 -14.30
N GLN H 43 11.63 -8.25 -14.61
CA GLN H 43 12.34 -8.29 -15.87
C GLN H 43 12.40 -9.71 -16.36
N LYS H 44 12.54 -9.88 -17.66
CA LYS H 44 12.82 -11.18 -18.22
C LYS H 44 13.69 -11.00 -19.44
N THR H 45 14.98 -11.32 -19.31
CA THR H 45 15.93 -11.25 -20.40
C THR H 45 16.04 -12.61 -21.03
N VAL H 46 16.21 -12.64 -22.35
CA VAL H 46 16.43 -13.88 -23.08
C VAL H 46 17.68 -13.71 -23.92
N GLU H 47 18.62 -14.63 -23.75
CA GLU H 47 19.91 -14.60 -24.45
C GLU H 47 20.64 -13.29 -24.19
N GLY H 48 20.61 -12.84 -22.95
CA GLY H 48 21.34 -11.65 -22.58
C GLY H 48 21.50 -11.59 -21.09
N ALA H 49 22.47 -10.78 -20.66
CA ALA H 49 22.76 -10.61 -19.25
C ALA H 49 21.92 -9.48 -18.69
N GLY H 50 21.02 -9.80 -17.76
CA GLY H 50 20.17 -8.77 -17.21
C GLY H 50 20.36 -8.50 -15.75
N SER H 51 20.93 -7.35 -15.43
CA SER H 51 21.05 -6.88 -14.06
C SER H 51 19.83 -6.05 -13.73
N ILE H 52 19.69 -5.69 -12.45
CA ILE H 52 18.56 -4.88 -12.02
C ILE H 52 19.00 -3.65 -11.24
N ALA H 53 19.76 -3.84 -10.17
CA ALA H 53 20.23 -2.70 -9.42
C ALA H 53 21.74 -2.76 -9.26
N ALA H 54 22.43 -2.98 -10.37
CA ALA H 54 23.88 -3.04 -10.36
C ALA H 54 24.47 -1.65 -10.16
N ALA H 55 25.65 -1.59 -9.54
CA ALA H 55 26.39 -0.36 -9.38
C ALA H 55 27.88 -0.65 -9.49
N THR H 56 28.57 0.12 -10.31
CA THR H 56 30.01 0.00 -10.51
C THR H 56 30.65 1.35 -10.29
N GLY H 57 31.75 1.39 -9.55
CA GLY H 57 32.42 2.62 -9.22
C GLY H 57 33.03 3.35 -10.41
N PHE H 58 33.98 2.71 -11.10
CA PHE H 58 34.42 3.19 -12.40
C PHE H 58 35.28 2.14 -13.08
N VAL H 59 34.97 1.83 -14.34
CA VAL H 59 35.78 0.90 -15.11
C VAL H 59 36.90 1.69 -15.78
N LYS H 60 38.14 1.33 -15.49
CA LYS H 60 39.30 2.03 -16.03
C LYS H 60 40.18 1.02 -16.76
N LYS H 61 39.86 0.79 -18.03
CA LYS H 61 40.62 -0.13 -18.87
C LYS H 61 41.56 0.64 -19.80
N ASP H 62 42.50 1.38 -19.23
CA ASP H 62 43.41 2.16 -20.06
C ASP H 62 44.22 1.24 -20.98
N GLN H 63 44.24 1.58 -22.27
CA GLN H 63 45.11 0.93 -23.26
C GLN H 63 44.88 -0.57 -23.33
N GLY I 1 -43.57 -11.71 17.85
CA GLY I 1 -43.46 -12.98 17.14
C GLY I 1 -42.34 -13.00 16.13
N VAL I 2 -41.14 -12.63 16.58
CA VAL I 2 -39.98 -12.57 15.70
C VAL I 2 -39.63 -13.97 15.22
N VAL I 3 -39.42 -14.12 13.92
CA VAL I 3 -38.97 -15.37 13.32
C VAL I 3 -37.92 -15.04 12.29
N ALA I 4 -36.82 -15.80 12.28
CA ALA I 4 -35.72 -15.54 11.37
C ALA I 4 -35.22 -16.83 10.74
N ALA I 5 -36.14 -17.66 10.25
CA ALA I 5 -35.76 -18.93 9.67
C ALA I 5 -34.85 -18.72 8.47
N ALA I 6 -34.01 -19.73 8.18
CA ALA I 6 -33.12 -19.70 7.04
C ALA I 6 -32.63 -21.11 6.75
N GLU I 7 -32.53 -21.44 5.47
CA GLU I 7 -32.13 -22.77 5.05
C GLU I 7 -31.21 -22.67 3.85
N LYS I 8 -30.36 -23.67 3.67
CA LYS I 8 -29.42 -23.71 2.56
C LYS I 8 -29.37 -25.10 1.95
N THR I 9 -30.53 -25.71 1.76
CA THR I 9 -30.61 -27.06 1.22
C THR I 9 -29.97 -27.15 -0.16
N LYS I 10 -28.87 -27.89 -0.28
CA LYS I 10 -28.22 -28.02 -1.58
C LYS I 10 -28.57 -29.35 -2.23
N VAL J 1 4.33 29.68 28.66
CA VAL J 1 4.18 28.33 28.16
C VAL J 1 3.38 27.45 29.10
N LEU J 2 2.24 26.97 28.63
CA LEU J 2 1.35 26.14 29.43
C LEU J 2 1.18 24.74 28.86
N TYR J 3 0.80 24.63 27.58
CA TYR J 3 0.55 23.34 26.95
C TYR J 3 -0.47 22.53 27.74
N VAL J 4 -1.68 23.05 27.83
CA VAL J 4 -2.78 22.37 28.50
C VAL J 4 -3.50 21.52 27.46
N GLY J 5 -3.33 20.20 27.56
CA GLY J 5 -3.92 19.31 26.58
C GLY J 5 -3.41 19.48 25.19
N SER J 6 -2.20 20.02 25.03
CA SER J 6 -1.67 20.38 23.72
C SER J 6 -0.52 19.44 23.34
N LYS J 7 -0.08 19.58 22.08
CA LYS J 7 1.01 18.77 21.52
C LYS J 7 0.68 17.29 21.56
N THR J 8 -0.61 16.96 21.60
CA THR J 8 -1.07 15.60 21.76
C THR J 8 -1.16 14.89 20.42
N LYS J 9 -1.49 13.60 20.49
CA LYS J 9 -1.75 12.81 19.30
C LYS J 9 -2.64 11.66 19.75
N GLU J 10 -3.94 11.78 19.49
CA GLU J 10 -4.93 10.90 20.12
C GLU J 10 -5.87 10.33 19.07
N GLY J 11 -6.04 9.01 19.08
CA GLY J 11 -6.86 8.37 18.10
C GLY J 11 -6.27 8.50 16.72
N VAL J 12 -5.07 7.96 16.52
CA VAL J 12 -4.32 8.16 15.29
C VAL J 12 -3.86 6.82 14.75
N VAL J 13 -3.86 6.69 13.43
CA VAL J 13 -3.38 5.50 12.76
C VAL J 13 -2.51 5.97 11.60
N HIS J 14 -1.28 5.47 11.53
CA HIS J 14 -0.49 5.80 10.35
C HIS J 14 0.49 4.69 10.03
N GLY J 15 0.99 4.72 8.80
CA GLY J 15 1.94 3.73 8.34
C GLY J 15 1.39 2.33 8.32
N VAL J 16 0.31 2.11 7.59
CA VAL J 16 -0.38 0.83 7.57
C VAL J 16 -0.34 0.31 6.16
N ALA J 17 0.35 -0.79 5.95
CA ALA J 17 0.37 -1.45 4.65
C ALA J 17 -0.34 -2.78 4.78
N THR J 18 -1.25 -3.06 3.86
CA THR J 18 -2.11 -4.22 3.95
C THR J 18 -2.25 -4.83 2.58
N VAL J 19 -2.20 -6.15 2.51
CA VAL J 19 -2.46 -6.87 1.28
C VAL J 19 -3.40 -8.01 1.61
N ALA J 20 -4.49 -8.12 0.85
CA ALA J 20 -5.53 -9.12 1.08
C ALA J 20 -5.82 -9.81 -0.24
N GLU J 21 -5.15 -10.91 -0.51
CA GLU J 21 -5.41 -11.68 -1.73
C GLU J 21 -6.33 -12.83 -1.38
N LYS J 22 -7.65 -12.59 -1.48
CA LYS J 22 -8.66 -13.60 -1.22
C LYS J 22 -9.30 -14.04 -2.52
N THR J 23 -9.33 -15.34 -2.77
CA THR J 23 -9.94 -15.81 -4.00
C THR J 23 -11.46 -15.76 -3.98
N LYS J 24 -12.09 -16.00 -2.84
CA LYS J 24 -13.53 -15.90 -2.75
C LYS J 24 -13.93 -15.44 -1.36
N GLU J 25 -14.87 -14.51 -1.29
CA GLU J 25 -15.38 -14.00 -0.02
C GLU J 25 -16.89 -13.89 -0.12
N GLN J 26 -17.60 -14.32 0.92
CA GLN J 26 -19.04 -14.44 0.84
C GLN J 26 -19.66 -14.25 2.21
N VAL J 27 -20.53 -13.25 2.35
CA VAL J 27 -21.27 -12.99 3.57
C VAL J 27 -22.75 -13.17 3.28
N THR J 28 -23.42 -13.95 4.13
CA THR J 28 -24.86 -14.22 3.99
C THR J 28 -25.53 -13.92 5.32
N ASN J 29 -26.27 -12.82 5.39
CA ASN J 29 -26.96 -12.42 6.60
C ASN J 29 -28.45 -12.61 6.40
N VAL J 30 -29.09 -13.25 7.38
CA VAL J 30 -30.53 -13.49 7.37
C VAL J 30 -31.04 -12.99 8.72
N GLY J 31 -31.46 -11.74 8.76
CA GLY J 31 -31.79 -11.14 10.03
C GLY J 31 -30.52 -10.84 10.81
N GLY J 32 -30.51 -9.76 11.58
CA GLY J 32 -29.34 -9.49 12.39
C GLY J 32 -28.33 -8.57 11.74
N ALA J 33 -27.11 -8.57 12.25
CA ALA J 33 -26.07 -7.66 11.80
C ALA J 33 -24.80 -8.43 11.45
N VAL J 34 -24.07 -7.94 10.45
CA VAL J 34 -22.76 -8.45 10.09
C VAL J 34 -21.84 -7.28 9.77
N VAL J 35 -20.72 -7.18 10.48
CA VAL J 35 -19.71 -6.17 10.25
C VAL J 35 -18.42 -6.86 9.84
N THR J 36 -17.89 -6.52 8.67
CA THR J 36 -16.75 -7.25 8.13
C THR J 36 -15.78 -6.33 7.41
N GLY J 37 -14.53 -6.36 7.85
CA GLY J 37 -13.45 -5.73 7.11
C GLY J 37 -13.15 -4.28 7.42
N VAL J 38 -13.12 -3.92 8.70
CA VAL J 38 -12.78 -2.56 9.12
C VAL J 38 -11.26 -2.48 9.22
N THR J 39 -10.67 -1.50 8.55
CA THR J 39 -9.22 -1.36 8.49
C THR J 39 -8.82 0.10 8.66
N ALA J 40 -7.85 0.35 9.53
CA ALA J 40 -7.20 1.65 9.65
C ALA J 40 -8.21 2.75 9.93
N VAL J 41 -8.85 2.66 11.08
CA VAL J 41 -9.95 3.54 11.45
C VAL J 41 -9.58 4.25 12.74
N ALA J 42 -9.78 5.55 12.76
CA ALA J 42 -9.42 6.35 13.93
C ALA J 42 -10.59 7.26 14.31
N GLN J 43 -10.84 7.35 15.61
CA GLN J 43 -11.96 8.13 16.10
C GLN J 43 -11.56 8.79 17.41
N LYS J 44 -12.23 9.89 17.72
CA LYS J 44 -12.07 10.50 19.03
C LYS J 44 -13.40 11.13 19.42
N THR J 45 -14.13 10.49 20.31
CA THR J 45 -15.39 11.00 20.81
C THR J 45 -15.13 11.75 22.10
N VAL J 46 -15.88 12.83 22.31
CA VAL J 46 -15.81 13.60 23.54
C VAL J 46 -17.21 13.73 24.09
N GLU J 47 -17.39 13.32 25.35
CA GLU J 47 -18.69 13.36 26.02
C GLU J 47 -19.73 12.56 25.24
N GLY J 48 -19.33 11.40 24.73
CA GLY J 48 -20.25 10.54 24.03
C GLY J 48 -19.68 9.15 23.94
N ALA J 49 -20.57 8.19 23.69
CA ALA J 49 -20.19 6.80 23.59
C ALA J 49 -19.83 6.48 22.14
N GLY J 50 -18.57 6.14 21.90
CA GLY J 50 -18.16 5.86 20.54
C GLY J 50 -17.73 4.43 20.29
N SER J 51 -18.55 3.70 19.55
CA SER J 51 -18.20 2.36 19.10
C SER J 51 -17.53 2.48 17.74
N ILE J 52 -16.98 1.36 17.25
CA ILE J 52 -16.32 1.34 15.95
C ILE J 52 -16.86 0.24 15.06
N ALA J 53 -16.81 -0.99 15.52
CA ALA J 53 -17.35 -2.08 14.70
C ALA J 53 -18.35 -2.89 15.50
N ALA J 54 -19.29 -2.18 16.13
CA ALA J 54 -20.33 -2.84 16.89
C ALA J 54 -21.33 -3.53 15.97
N ALA J 55 -21.93 -4.62 16.47
CA ALA J 55 -22.99 -5.32 15.75
C ALA J 55 -24.00 -5.84 16.76
N THR J 56 -25.28 -5.57 16.51
CA THR J 56 -26.37 -6.02 17.34
C THR J 56 -27.38 -6.75 16.47
N GLY J 57 -27.85 -7.90 16.94
CA GLY J 57 -28.78 -8.70 16.18
C GLY J 57 -30.14 -8.08 15.95
N PHE J 58 -30.87 -7.79 17.03
CA PHE J 58 -32.05 -6.93 16.94
C PHE J 58 -32.52 -6.54 18.33
N VAL J 59 -32.74 -5.25 18.55
CA VAL J 59 -33.28 -4.77 19.82
C VAL J 59 -34.79 -4.83 19.75
N LYS J 60 -35.40 -5.58 20.65
CA LYS J 60 -36.85 -5.76 20.67
C LYS J 60 -37.38 -5.33 22.04
N LYS J 61 -37.63 -4.04 22.18
CA LYS J 61 -38.17 -3.48 23.42
C LYS J 61 -39.67 -3.23 23.29
N ASP J 62 -40.45 -4.29 23.08
CA ASP J 62 -41.89 -4.12 22.94
C ASP J 62 -42.48 -3.50 24.20
N GLN J 63 -43.29 -2.46 24.03
CA GLN J 63 -44.09 -1.87 25.09
C GLN J 63 -43.25 -1.43 26.28
N GLY K 1 45.05 8.41 -13.15
CA GLY K 1 45.20 9.25 -11.98
C GLY K 1 43.88 9.61 -11.33
N VAL K 2 43.07 8.59 -11.04
CA VAL K 2 41.77 8.80 -10.44
C VAL K 2 41.93 9.37 -9.03
N VAL K 3 41.19 10.42 -8.72
CA VAL K 3 41.15 11.01 -7.39
C VAL K 3 39.71 11.33 -7.07
N ALA K 4 39.28 11.01 -5.85
CA ALA K 4 37.90 11.24 -5.45
C ALA K 4 37.83 11.83 -4.06
N ALA K 5 38.63 12.85 -3.80
CA ALA K 5 38.66 13.47 -2.48
C ALA K 5 37.29 14.04 -2.12
N ALA K 6 37.04 14.12 -0.81
CA ALA K 6 35.79 14.68 -0.32
C ALA K 6 35.96 15.03 1.15
N GLU K 7 35.38 16.16 1.57
CA GLU K 7 35.52 16.64 2.93
C GLU K 7 34.19 17.22 3.38
N LYS K 8 33.97 17.21 4.69
CA LYS K 8 32.74 17.74 5.27
C LYS K 8 33.05 18.56 6.51
N THR K 9 34.08 19.39 6.44
CA THR K 9 34.50 20.20 7.59
C THR K 9 33.37 21.10 8.08
N LYS K 10 32.88 20.87 9.28
CA LYS K 10 31.80 21.71 9.80
C LYS K 10 32.35 22.73 10.79
N VAL L 1 -1.92 -33.89 -24.46
CA VAL L 1 -1.44 -33.13 -23.30
C VAL L 1 0.03 -33.42 -23.00
N LEU L 2 0.86 -32.39 -23.12
CA LEU L 2 2.30 -32.53 -22.88
C LEU L 2 2.78 -31.69 -21.71
N TYR L 3 2.49 -30.40 -21.70
CA TYR L 3 2.96 -29.50 -20.65
C TYR L 3 4.47 -29.57 -20.50
N VAL L 4 5.17 -29.18 -21.55
CA VAL L 4 6.63 -29.13 -21.54
C VAL L 4 7.04 -27.75 -21.07
N GLY L 5 7.56 -27.67 -19.86
CA GLY L 5 7.94 -26.39 -19.30
C GLY L 5 6.79 -25.44 -19.09
N SER L 6 5.57 -25.96 -18.95
CA SER L 6 4.36 -25.15 -18.89
C SER L 6 3.76 -25.17 -17.48
N LYS L 7 2.76 -24.31 -17.29
CA LYS L 7 2.05 -24.20 -16.02
C LYS L 7 3.00 -23.80 -14.89
N THR L 8 4.11 -23.17 -15.24
CA THR L 8 5.17 -22.85 -14.29
C THR L 8 4.90 -21.53 -13.60
N LYS L 9 5.77 -21.20 -12.66
CA LYS L 9 5.74 -19.90 -12.00
C LYS L 9 7.15 -19.67 -11.47
N GLU L 10 7.94 -18.87 -12.19
CA GLU L 10 9.37 -18.79 -11.95
C GLU L 10 9.82 -17.34 -11.83
N GLY L 11 10.56 -17.05 -10.78
CA GLY L 11 10.99 -15.69 -10.53
C GLY L 11 9.80 -14.80 -10.25
N VAL L 12 9.06 -15.07 -9.19
CA VAL L 12 7.80 -14.41 -8.89
C VAL L 12 7.84 -13.90 -7.46
N VAL L 13 7.25 -12.73 -7.24
CA VAL L 13 7.10 -12.16 -5.91
C VAL L 13 5.68 -11.65 -5.80
N HIS L 14 4.95 -12.06 -4.76
CA HIS L 14 3.64 -11.46 -4.56
C HIS L 14 3.27 -11.44 -3.10
N GLY L 15 2.28 -10.62 -2.78
CA GLY L 15 1.80 -10.47 -1.43
C GLY L 15 2.84 -9.95 -0.47
N VAL L 16 3.39 -8.78 -0.75
CA VAL L 16 4.48 -8.21 0.02
C VAL L 16 4.00 -6.90 0.61
N ALA L 17 3.88 -6.84 1.92
CA ALA L 17 3.54 -5.62 2.61
C ALA L 17 4.74 -5.15 3.40
N THR L 18 5.10 -3.89 3.27
CA THR L 18 6.31 -3.36 3.86
C THR L 18 6.03 -1.99 4.44
N VAL L 19 6.56 -1.72 5.61
CA VAL L 19 6.47 -0.39 6.21
C VAL L 19 7.85 -0.04 6.72
N ALA L 20 8.34 1.14 6.34
CA ALA L 20 9.67 1.60 6.69
C ALA L 20 9.57 3.00 7.25
N GLU L 21 9.45 3.13 8.55
CA GLU L 21 9.39 4.44 9.20
C GLU L 21 10.78 4.78 9.72
N LYS L 22 11.58 5.42 8.88
CA LYS L 22 12.93 5.85 9.24
C LYS L 22 12.96 7.36 9.41
N THR L 23 13.46 7.82 10.54
CA THR L 23 13.52 9.26 10.76
C THR L 23 14.64 9.94 9.98
N LYS L 24 15.77 9.28 9.78
CA LYS L 24 16.84 9.86 8.98
C LYS L 24 17.61 8.75 8.28
N GLU L 25 17.92 8.96 7.01
CA GLU L 25 18.67 8.00 6.21
C GLU L 25 19.70 8.77 5.39
N GLN L 26 20.92 8.27 5.34
CA GLN L 26 22.01 9.03 4.74
C GLN L 26 23.05 8.10 4.16
N VAL L 27 23.29 8.20 2.86
CA VAL L 27 24.33 7.43 2.18
C VAL L 27 25.36 8.41 1.64
N THR L 28 26.63 8.13 1.91
CA THR L 28 27.75 8.96 1.47
C THR L 28 28.76 8.07 0.77
N ASN L 29 28.83 8.15 -0.55
CA ASN L 29 29.76 7.35 -1.34
C ASN L 29 30.86 8.24 -1.88
N VAL L 30 32.10 7.80 -1.71
CA VAL L 30 33.28 8.53 -2.21
C VAL L 30 34.08 7.52 -3.00
N GLY L 31 33.84 7.44 -4.30
CA GLY L 31 34.43 6.38 -5.08
C GLY L 31 33.74 5.06 -4.79
N GLY L 32 33.61 4.20 -5.77
CA GLY L 32 33.02 2.90 -5.51
C GLY L 32 31.53 2.83 -5.77
N ALA L 33 30.88 1.82 -5.21
CA ALA L 33 29.46 1.57 -5.46
C ALA L 33 28.71 1.43 -4.14
N VAL L 34 27.45 1.86 -4.13
CA VAL L 34 26.54 1.66 -3.01
C VAL L 34 25.17 1.30 -3.57
N VAL L 35 24.64 0.15 -3.16
CA VAL L 35 23.31 -0.31 -3.54
C VAL L 35 22.48 -0.42 -2.26
N THR L 36 21.36 0.28 -2.22
CA THR L 36 20.59 0.36 -0.98
C THR L 36 19.09 0.36 -1.25
N GLY L 37 18.39 -0.59 -0.65
CA GLY L 37 16.94 -0.57 -0.60
C GLY L 37 16.20 -1.24 -1.74
N VAL L 38 16.64 -2.41 -2.15
CA VAL L 38 15.97 -3.19 -3.19
C VAL L 38 14.86 -3.99 -2.54
N THR L 39 13.64 -3.86 -3.05
CA THR L 39 12.47 -4.51 -2.45
C THR L 39 11.60 -5.10 -3.54
N ALA L 40 11.19 -6.35 -3.35
CA ALA L 40 10.16 -6.99 -4.18
C ALA L 40 10.54 -6.97 -5.65
N VAL L 41 11.62 -7.66 -5.98
CA VAL L 41 12.21 -7.63 -7.30
C VAL L 41 12.25 -9.04 -7.85
N ALA L 42 11.82 -9.20 -9.08
CA ALA L 42 11.76 -10.52 -9.70
C ALA L 42 12.39 -10.48 -11.08
N GLN L 43 13.17 -11.50 -11.39
CA GLN L 43 13.88 -11.55 -12.65
C GLN L 43 13.92 -12.99 -13.14
N LYS L 44 14.06 -13.15 -14.44
CA LYS L 44 14.31 -14.47 -15.00
C LYS L 44 15.18 -14.30 -16.23
N THR L 45 16.47 -14.62 -16.09
CA THR L 45 17.41 -14.57 -17.19
C THR L 45 17.51 -15.93 -17.83
N VAL L 46 17.66 -15.97 -19.15
CA VAL L 46 17.86 -17.21 -19.88
C VAL L 46 19.11 -17.07 -20.72
N GLU L 47 20.05 -17.99 -20.56
CA GLU L 47 21.33 -17.97 -21.27
C GLU L 47 22.08 -16.67 -21.02
N GLY L 48 22.06 -16.21 -19.79
CA GLY L 48 22.80 -15.02 -19.42
C GLY L 48 22.98 -14.95 -17.93
N ALA L 49 23.95 -14.15 -17.51
CA ALA L 49 24.25 -13.99 -16.11
C ALA L 49 23.42 -12.85 -15.54
N GLY L 50 22.54 -13.15 -14.61
CA GLY L 50 21.69 -12.11 -14.06
C GLY L 50 21.91 -11.84 -12.59
N SER L 51 22.48 -10.69 -12.29
CA SER L 51 22.62 -10.21 -10.92
C SER L 51 21.41 -9.38 -10.58
N ILE L 52 21.27 -9.01 -9.31
CA ILE L 52 20.15 -8.19 -8.86
C ILE L 52 20.62 -6.96 -8.10
N ALA L 53 21.38 -7.15 -7.04
CA ALA L 53 21.87 -6.01 -6.29
C ALA L 53 23.38 -6.08 -6.14
N ALA L 54 24.06 -6.31 -7.26
CA ALA L 54 25.51 -6.38 -7.26
C ALA L 54 26.11 -4.99 -7.06
N ALA L 55 27.29 -4.95 -6.46
CA ALA L 55 28.05 -3.71 -6.31
C ALA L 55 29.53 -4.03 -6.44
N THR L 56 30.23 -3.27 -7.27
CA THR L 56 31.66 -3.40 -7.48
C THR L 56 32.31 -2.05 -7.27
N GLY L 57 33.42 -2.02 -6.53
CA GLY L 57 34.10 -0.78 -6.22
C GLY L 57 34.72 -0.07 -7.41
N PHE L 58 35.65 -0.71 -8.10
CA PHE L 58 36.09 -0.25 -9.41
C PHE L 58 36.93 -1.30 -10.10
N VAL L 59 36.62 -1.63 -11.35
CA VAL L 59 37.40 -2.57 -12.12
C VAL L 59 38.52 -1.79 -12.81
N LYS L 60 39.76 -2.15 -12.53
CA LYS L 60 40.93 -1.47 -13.07
C LYS L 60 41.79 -2.48 -13.81
N LYS L 61 41.45 -2.73 -15.07
CA LYS L 61 42.20 -3.65 -15.92
C LYS L 61 43.13 -2.89 -16.86
N ASP L 62 44.09 -2.16 -16.30
CA ASP L 62 45.00 -1.40 -17.15
C ASP L 62 45.79 -2.32 -18.07
N GLN L 63 45.81 -1.99 -19.36
CA GLN L 63 46.66 -2.64 -20.35
C GLN L 63 46.42 -4.15 -20.41
#